data_7I2X
#
_entry.id   7I2X
#
_cell.length_a   82.485
_cell.length_b   116.856
_cell.length_c   148.568
_cell.angle_alpha   90.000
_cell.angle_beta   90.000
_cell.angle_gamma   90.000
#
_symmetry.space_group_name_H-M   'I 2 2 2'
#
loop_
_entity.id
_entity.type
_entity.pdbx_description
1 polymer 'NS5 RNA-dependent RNA polymerase'
2 non-polymer 'CHLORIDE ION'
3 non-polymer 'ZINC ION'
4 non-polymer '2-(N-MORPHOLINO)-ETHANESULFONIC ACID'
5 non-polymer 'DIMETHYL SULFOXIDE'
6 non-polymer DI(HYDROXYETHYL)ETHER
7 non-polymer 'PHOSPHATE ION'
8 water water
#
_entity_poly.entity_id   1
_entity_poly.type   'polypeptide(L)'
_entity_poly.pdbx_seq_one_letter_code
;GPGIESETPNLDIIGKRIEKIKQEHETSWHYDQDHPYKTWAYHGSYETKQTGSASSMVNGVVRLLTKPWDIIPMVTQMAM
TDTTPFGQQRVFKEKVDTRTQEPKEGTKKLMKITAEWLWKELGKKKTPRMCTREEFTRKVRSNAALGAIFTDENKWKSAR
EAVEDSGFWELVDKERNLHLEGKCETCVYNMMGKREKKLGEFGKAKGSRAIWYMWLGARFLEFEALGFLNEDHWFSRENS
LSGVEGEGLHKLGYILRDVSKKEGGAMYADDTAGWDTRITLEDLKNEEMVTNHMEGEHKKLAEAIFKLTYQNKVVRVQRP
TPRGTVMDIISRRDQRGSGQVVTYGLNTFTNMEAQLIRQMEGEGVFKSIQHLTVTEEIAVKNWLVRVGRERLSRMAISGD
DCVVKPLDDRFASALTALNDMGKVRKDIQQWEPSRGWNDWTQVPFCSHHFHELIMKDGRVLVVPCRNQDELIGRARISQG
AGWSLRETACLGKSYAQMWSLMYFHRRDLRLAANAICSAVPSHWVPTSRTTWSIHATHEWMTTEDMLTVWNRVWIQENPW
MEDKTPVESWEEIPYLGKREDQWCGSLIGLTSRATWAKNIQTAINQVRSLIGNEEYTDYMPSMKRFRREEEEAGVLW
;
_entity_poly.pdbx_strand_id   A
#
loop_
_chem_comp.id
_chem_comp.type
_chem_comp.name
_chem_comp.formula
CL non-polymer 'CHLORIDE ION' 'Cl -1'
DMS non-polymer 'DIMETHYL SULFOXIDE' 'C2 H6 O S'
MES non-polymer '2-(N-MORPHOLINO)-ETHANESULFONIC ACID' 'C6 H13 N O4 S'
PEG non-polymer DI(HYDROXYETHYL)ETHER 'C4 H10 O3'
PO4 non-polymer 'PHOSPHATE ION' 'O4 P -3'
ZN non-polymer 'ZINC ION' 'Zn 2'
#
# COMPACT_ATOMS: atom_id res chain seq x y z
N ASN A 10 19.26 -17.26 -19.04
CA ASN A 10 19.92 -15.91 -18.96
C ASN A 10 19.62 -15.18 -20.27
N LEU A 11 20.63 -14.91 -21.11
CA LEU A 11 20.55 -13.94 -22.25
C LEU A 11 19.64 -14.50 -23.35
N ASP A 12 19.33 -15.80 -23.31
CA ASP A 12 18.27 -16.39 -24.16
C ASP A 12 16.90 -15.77 -23.81
N ILE A 13 16.64 -15.46 -22.53
CA ILE A 13 15.33 -14.92 -22.05
C ILE A 13 15.34 -13.38 -22.09
N ILE A 14 16.47 -12.73 -21.79
CA ILE A 14 16.56 -11.24 -21.71
C ILE A 14 17.18 -10.61 -22.98
N GLY A 15 17.98 -11.35 -23.78
CA GLY A 15 18.74 -10.84 -24.94
C GLY A 15 17.90 -10.01 -25.90
N LYS A 16 16.72 -10.52 -26.27
CA LYS A 16 15.80 -9.92 -27.27
C LYS A 16 15.40 -8.50 -26.81
N ARG A 17 15.00 -8.35 -25.55
CA ARG A 17 14.69 -7.01 -24.97
C ARG A 17 15.94 -6.13 -25.08
N ILE A 18 17.11 -6.69 -24.76
CA ILE A 18 18.40 -5.95 -24.75
C ILE A 18 18.71 -5.56 -26.21
N GLU A 19 18.75 -6.56 -27.12
CA GLU A 19 18.93 -6.35 -28.59
C GLU A 19 18.09 -5.15 -29.04
N LYS A 20 16.77 -5.21 -28.85
CA LYS A 20 15.79 -4.20 -29.34
C LYS A 20 16.16 -2.79 -28.87
N ILE A 21 16.58 -2.63 -27.61
CA ILE A 21 16.91 -1.30 -27.02
C ILE A 21 18.21 -0.77 -27.66
N LYS A 22 19.23 -1.63 -27.76
CA LYS A 22 20.55 -1.35 -28.38
C LYS A 22 20.33 -0.69 -29.76
N GLN A 23 19.57 -1.36 -30.64
CA GLN A 23 19.26 -0.90 -32.03
C GLN A 23 18.62 0.49 -32.04
N GLU A 24 17.79 0.84 -31.06
CA GLU A 24 17.08 2.15 -31.04
C GLU A 24 18.04 3.28 -30.64
N HIS A 25 19.22 2.92 -30.09
CA HIS A 25 20.26 3.87 -29.63
C HIS A 25 21.63 3.40 -30.14
N GLU A 26 21.68 2.91 -31.39
CA GLU A 26 22.91 2.40 -32.08
C GLU A 26 23.94 3.52 -32.17
N THR A 27 23.48 4.77 -32.22
CA THR A 27 24.32 5.99 -32.30
C THR A 27 25.10 6.22 -30.99
N SER A 28 24.64 5.68 -29.85
CA SER A 28 25.14 6.01 -28.49
C SER A 28 25.55 4.77 -27.66
N TRP A 29 25.44 3.55 -28.19
CA TRP A 29 25.70 2.31 -27.39
C TRP A 29 27.19 2.24 -27.02
N HIS A 30 27.48 1.97 -25.75
CA HIS A 30 28.87 1.92 -25.21
C HIS A 30 28.86 1.17 -23.87
N TYR A 31 29.67 0.11 -23.76
CA TYR A 31 29.93 -0.59 -22.48
C TYR A 31 30.84 0.29 -21.61
N ASP A 32 30.24 1.21 -20.85
CA ASP A 32 30.91 2.07 -19.84
C ASP A 32 31.69 1.18 -18.85
N GLN A 33 32.99 1.45 -18.67
CA GLN A 33 33.92 0.61 -17.86
C GLN A 33 33.84 1.01 -16.39
N ASP A 34 33.39 2.24 -16.11
CA ASP A 34 33.25 2.81 -14.74
C ASP A 34 31.78 2.67 -14.28
N HIS A 35 31.13 1.54 -14.59
CA HIS A 35 29.73 1.24 -14.19
C HIS A 35 29.71 0.91 -12.69
N PRO A 36 28.78 1.52 -11.92
CA PRO A 36 28.73 1.32 -10.46
C PRO A 36 28.11 0.02 -9.93
N TYR A 37 27.56 -0.83 -10.81
CA TYR A 37 26.72 -2.01 -10.42
C TYR A 37 27.64 -3.11 -9.92
N LYS A 38 27.28 -3.72 -8.78
CA LYS A 38 27.94 -4.92 -8.22
C LYS A 38 27.02 -6.16 -8.31
N THR A 39 25.75 -6.05 -7.89
CA THR A 39 24.82 -7.19 -7.78
C THR A 39 23.88 -7.28 -9.00
N TRP A 40 23.63 -6.17 -9.69
CA TRP A 40 22.93 -6.13 -11.00
C TRP A 40 23.91 -6.47 -12.12
N ALA A 41 23.53 -7.35 -13.05
CA ALA A 41 24.21 -7.55 -14.36
C ALA A 41 24.01 -6.30 -15.21
N TYR A 42 25.11 -5.75 -15.70
CA TYR A 42 25.17 -4.54 -16.56
C TYR A 42 25.32 -5.02 -18.01
N HIS A 43 24.79 -4.25 -18.96
CA HIS A 43 24.71 -4.67 -20.38
C HIS A 43 25.22 -3.58 -21.31
N GLY A 44 24.99 -2.31 -20.98
CA GLY A 44 25.39 -1.18 -21.82
C GLY A 44 24.74 0.10 -21.36
N SER A 45 25.15 1.23 -21.94
CA SER A 45 24.63 2.58 -21.68
C SER A 45 24.31 3.26 -23.01
N TYR A 46 23.52 4.34 -22.96
CA TYR A 46 23.10 5.17 -24.12
C TYR A 46 22.68 6.56 -23.61
N GLU A 47 22.53 7.52 -24.53
CA GLU A 47 22.44 8.97 -24.25
C GLU A 47 20.97 9.38 -24.00
N THR A 48 20.71 10.11 -22.91
CA THR A 48 19.38 10.70 -22.56
C THR A 48 19.63 12.02 -21.82
N LYS A 49 18.58 12.71 -21.36
CA LYS A 49 18.69 14.00 -20.62
C LYS A 49 17.31 14.42 -20.10
N GLN A 50 17.02 14.20 -18.82
CA GLN A 50 15.77 14.66 -18.15
C GLN A 50 15.85 14.41 -16.64
N THR A 51 14.80 14.77 -15.89
CA THR A 51 14.69 14.61 -14.41
C THR A 51 14.81 13.13 -14.04
N ALA A 54 10.19 15.91 -10.40
CA ALA A 54 8.83 15.53 -9.92
C ALA A 54 8.69 15.89 -8.43
N SER A 55 8.94 17.15 -8.06
CA SER A 55 8.98 17.65 -6.65
C SER A 55 7.55 17.78 -6.07
N SER A 56 7.46 17.90 -4.75
CA SER A 56 6.19 18.04 -4.01
C SER A 56 5.78 19.52 -3.98
N MET A 57 4.58 19.82 -4.48
CA MET A 57 4.05 21.21 -4.59
C MET A 57 3.11 21.47 -3.41
N VAL A 58 2.99 22.70 -2.96
CA VAL A 58 2.11 22.99 -1.80
C VAL A 58 0.66 23.22 -2.26
N ASN A 59 -0.29 22.64 -1.53
CA ASN A 59 -1.73 22.94 -1.66
C ASN A 59 -2.06 24.23 -0.87
N GLY A 60 -2.28 25.32 -1.58
CA GLY A 60 -2.56 26.65 -0.99
C GLY A 60 -3.86 26.72 -0.23
N VAL A 61 -4.89 26.00 -0.66
CA VAL A 61 -6.19 26.00 0.01
C VAL A 61 -6.00 25.41 1.42
N VAL A 62 -5.33 24.26 1.53
CA VAL A 62 -5.15 23.60 2.85
C VAL A 62 -4.20 24.47 3.69
N ARG A 63 -3.13 24.99 3.10
CA ARG A 63 -2.14 25.73 3.91
C ARG A 63 -2.79 27.01 4.45
N LEU A 64 -3.57 27.74 3.64
CA LEU A 64 -4.16 28.99 4.18
C LEU A 64 -5.15 28.73 5.32
N LEU A 65 -5.68 27.52 5.44
CA LEU A 65 -6.67 27.15 6.51
C LEU A 65 -6.00 26.38 7.66
N THR A 66 -4.68 26.24 7.63
CA THR A 66 -3.89 25.61 8.70
C THR A 66 -2.73 26.52 9.15
N LYS A 67 -2.98 27.79 9.36
CA LYS A 67 -1.91 28.77 9.65
C LYS A 67 -1.05 28.39 10.84
N PRO A 68 -1.55 27.89 11.99
CA PRO A 68 -0.69 27.62 13.14
C PRO A 68 0.48 26.67 12.79
N TRP A 69 0.30 25.81 11.78
CA TRP A 69 1.29 24.77 11.41
C TRP A 69 2.38 25.38 10.50
N ASP A 70 2.23 26.64 10.09
CA ASP A 70 3.23 27.33 9.25
C ASP A 70 4.56 27.47 10.00
N ILE A 71 4.57 27.38 11.32
CA ILE A 71 5.80 27.55 12.15
C ILE A 71 6.18 26.22 12.83
N ILE A 72 5.63 25.10 12.41
CA ILE A 72 5.94 23.76 12.98
C ILE A 72 6.82 23.03 12.00
N PRO A 73 8.14 22.86 12.26
CA PRO A 73 9.04 22.26 11.27
C PRO A 73 8.69 20.84 10.84
N MET A 74 8.07 20.05 11.72
CA MET A 74 7.70 18.68 11.32
C MET A 74 6.66 18.73 10.17
N VAL A 75 5.83 19.78 10.11
CA VAL A 75 4.88 19.98 8.97
C VAL A 75 5.62 20.61 7.80
N THR A 76 6.31 21.74 8.00
CA THR A 76 6.83 22.59 6.90
C THR A 76 7.93 21.87 6.14
N GLN A 77 8.75 21.05 6.83
CA GLN A 77 9.86 20.31 6.19
C GLN A 77 9.34 19.19 5.28
N MET A 78 8.12 18.69 5.47
CA MET A 78 7.59 17.58 4.64
C MET A 78 7.45 18.01 3.18
N ALA A 79 7.29 19.31 2.91
CA ALA A 79 7.04 19.85 1.55
C ALA A 79 8.38 20.15 0.86
N MET A 80 9.51 20.09 1.56
CA MET A 80 10.81 20.52 0.95
C MET A 80 11.46 19.35 0.20
N THR A 81 12.46 19.63 -0.66
CA THR A 81 13.40 18.64 -1.23
C THR A 81 12.96 18.08 -2.58
N PHE A 92 16.30 3.74 -0.95
CA PHE A 92 17.72 3.33 -0.77
C PHE A 92 18.19 2.56 -2.02
N LYS A 93 18.91 3.23 -2.94
CA LYS A 93 19.48 2.60 -4.17
C LYS A 93 20.81 1.91 -3.82
N GLU A 94 21.25 2.06 -2.55
CA GLU A 94 22.37 1.30 -1.92
C GLU A 94 21.80 0.10 -1.16
N LYS A 95 20.48 -0.15 -1.31
CA LYS A 95 19.76 -1.38 -0.86
C LYS A 95 19.28 -2.19 -2.07
N VAL A 96 18.92 -1.56 -3.19
CA VAL A 96 18.59 -2.28 -4.45
C VAL A 96 19.83 -3.02 -4.94
N ASP A 97 21.03 -2.42 -4.84
CA ASP A 97 22.30 -3.05 -5.29
C ASP A 97 22.90 -3.87 -4.13
N THR A 98 22.11 -4.74 -3.50
CA THR A 98 22.57 -5.75 -2.50
C THR A 98 22.18 -7.15 -3.00
N ARG A 99 22.66 -8.20 -2.32
CA ARG A 99 22.38 -9.62 -2.67
C ARG A 99 21.82 -10.33 -1.43
N THR A 100 21.00 -11.36 -1.66
CA THR A 100 20.47 -12.27 -0.61
C THR A 100 21.01 -13.67 -0.90
N GLN A 101 21.54 -14.35 0.13
CA GLN A 101 22.07 -15.74 0.03
C GLN A 101 20.90 -16.72 -0.19
N GLU A 102 21.18 -17.89 -0.75
CA GLU A 102 20.19 -18.99 -0.92
C GLU A 102 19.84 -19.53 0.46
N PRO A 103 18.53 -19.70 0.77
CA PRO A 103 18.12 -20.36 2.01
C PRO A 103 18.64 -21.80 2.03
N LYS A 104 18.75 -22.41 3.22
CA LYS A 104 19.18 -23.81 3.46
C LYS A 104 18.08 -24.76 2.97
N GLU A 105 18.37 -26.06 2.88
CA GLU A 105 17.44 -27.07 2.29
C GLU A 105 16.17 -27.20 3.14
N GLY A 106 16.33 -27.20 4.47
CA GLY A 106 15.23 -27.27 5.44
C GLY A 106 14.28 -26.08 5.22
N THR A 107 14.83 -24.88 5.08
CA THR A 107 14.05 -23.63 4.86
C THR A 107 13.26 -23.73 3.55
N LYS A 108 13.94 -24.10 2.45
CA LYS A 108 13.32 -24.30 1.12
C LYS A 108 12.16 -25.31 1.18
N LYS A 109 12.33 -26.43 1.91
CA LYS A 109 11.24 -27.41 2.11
C LYS A 109 10.06 -26.75 2.85
N LEU A 110 10.32 -26.05 3.96
CA LEU A 110 9.26 -25.40 4.78
C LEU A 110 8.48 -24.43 3.90
N MET A 111 9.18 -23.61 3.14
CA MET A 111 8.54 -22.61 2.25
C MET A 111 7.69 -23.30 1.18
N LYS A 112 8.15 -24.43 0.62
CA LYS A 112 7.43 -25.08 -0.51
C LYS A 112 6.17 -25.73 0.01
N ILE A 113 6.26 -26.47 1.13
CA ILE A 113 5.09 -27.11 1.80
C ILE A 113 4.07 -26.01 2.14
N THR A 114 4.52 -24.94 2.80
CA THR A 114 3.61 -23.86 3.27
C THR A 114 2.94 -23.17 2.07
N ALA A 115 3.69 -22.81 1.04
CA ALA A 115 3.16 -22.13 -0.16
C ALA A 115 2.14 -23.01 -0.89
N GLU A 116 2.43 -24.32 -1.01
CA GLU A 116 1.47 -25.28 -1.64
C GLU A 116 0.15 -25.25 -0.87
N TRP A 117 0.23 -25.36 0.45
CA TRP A 117 -0.95 -25.41 1.33
C TRP A 117 -1.70 -24.06 1.18
N LEU A 118 -0.97 -22.94 1.18
CA LEU A 118 -1.62 -21.62 1.23
C LEU A 118 -2.35 -21.31 -0.08
N TRP A 119 -1.75 -21.58 -1.22
CA TRP A 119 -2.47 -21.37 -2.53
C TRP A 119 -3.74 -22.21 -2.56
N LYS A 120 -3.68 -23.45 -2.08
CA LYS A 120 -4.90 -24.30 -2.00
C LYS A 120 -5.95 -23.66 -1.10
N GLU A 121 -5.59 -23.16 0.09
CA GLU A 121 -6.61 -22.55 0.98
C GLU A 121 -7.22 -21.32 0.29
N LEU A 122 -6.39 -20.48 -0.33
CA LEU A 122 -6.88 -19.21 -0.89
C LEU A 122 -7.77 -19.54 -2.10
N GLY A 123 -7.50 -20.67 -2.75
CA GLY A 123 -8.22 -21.14 -3.96
C GLY A 123 -9.50 -21.93 -3.64
N LYS A 124 -9.77 -22.32 -2.39
CA LYS A 124 -10.97 -23.15 -2.08
C LYS A 124 -12.27 -22.45 -2.53
N LYS A 125 -12.41 -21.16 -2.30
CA LYS A 125 -13.65 -20.43 -2.61
C LYS A 125 -13.46 -19.39 -3.74
N LYS A 126 -12.40 -19.49 -4.53
CA LYS A 126 -12.10 -18.51 -5.59
C LYS A 126 -11.67 -19.30 -6.83
N THR A 127 -11.88 -18.72 -8.01
CA THR A 127 -11.49 -19.33 -9.31
C THR A 127 -10.58 -18.37 -10.07
N PRO A 128 -9.32 -18.73 -10.31
CA PRO A 128 -8.43 -17.88 -11.10
C PRO A 128 -9.06 -17.67 -12.49
N ARG A 129 -8.86 -16.49 -13.06
CA ARG A 129 -9.46 -16.09 -14.35
C ARG A 129 -8.70 -14.87 -14.91
N MET A 130 -8.75 -14.68 -16.23
CA MET A 130 -8.13 -13.50 -16.88
C MET A 130 -8.97 -12.26 -16.68
N CYS A 131 -8.30 -11.13 -16.52
CA CYS A 131 -8.93 -9.80 -16.48
C CYS A 131 -8.97 -9.27 -17.93
N THR A 132 -9.93 -8.42 -18.25
CA THR A 132 -10.31 -8.13 -19.67
C THR A 132 -9.80 -6.75 -20.09
N ARG A 133 -9.65 -6.57 -21.41
CA ARG A 133 -9.41 -5.24 -22.03
C ARG A 133 -10.43 -4.26 -21.46
N GLU A 134 -11.69 -4.71 -21.35
CA GLU A 134 -12.81 -3.89 -20.84
C GLU A 134 -12.46 -3.42 -19.43
N GLU A 135 -12.13 -4.35 -18.52
CA GLU A 135 -11.77 -4.02 -17.10
C GLU A 135 -10.57 -3.08 -17.06
N PHE A 136 -9.55 -3.35 -17.89
CA PHE A 136 -8.32 -2.51 -17.98
C PHE A 136 -8.70 -1.10 -18.44
N THR A 137 -9.43 -1.02 -19.56
CA THR A 137 -9.95 0.25 -20.15
C THR A 137 -10.70 1.05 -19.08
N ARG A 138 -11.62 0.41 -18.36
CA ARG A 138 -12.46 1.11 -17.35
C ARG A 138 -11.54 1.64 -16.24
N LYS A 139 -10.48 0.92 -15.90
CA LYS A 139 -9.49 1.36 -14.87
C LYS A 139 -8.76 2.63 -15.35
N VAL A 140 -8.28 2.66 -16.60
CA VAL A 140 -7.48 3.79 -17.15
C VAL A 140 -8.41 5.01 -17.27
N ARG A 141 -9.69 4.77 -17.61
CA ARG A 141 -10.73 5.82 -17.80
C ARG A 141 -11.32 6.27 -16.45
N SER A 142 -10.71 5.90 -15.32
CA SER A 142 -11.12 6.35 -13.96
C SER A 142 -9.89 6.59 -13.07
N ASN A 143 -8.73 6.87 -13.67
CA ASN A 143 -7.54 7.43 -12.97
C ASN A 143 -7.02 6.47 -11.89
N ALA A 144 -6.95 5.17 -12.17
CA ALA A 144 -6.26 4.19 -11.30
C ALA A 144 -4.76 4.22 -11.62
N ALA A 145 -3.90 4.26 -10.61
CA ALA A 145 -2.42 4.35 -10.75
C ALA A 145 -1.87 2.99 -11.22
N LEU A 146 -1.66 2.85 -12.54
CA LEU A 146 -1.21 1.57 -13.17
C LEU A 146 0.32 1.55 -13.33
N GLY A 147 1.01 2.61 -12.87
CA GLY A 147 2.48 2.72 -12.91
C GLY A 147 3.05 2.55 -14.32
N ALA A 148 2.45 3.20 -15.33
CA ALA A 148 2.85 3.10 -16.76
C ALA A 148 3.80 4.26 -17.12
N ILE A 149 4.48 4.18 -18.28
CA ILE A 149 5.39 5.21 -18.84
C ILE A 149 4.69 5.94 -20.00
N PHE A 150 5.02 7.22 -20.22
CA PHE A 150 4.42 8.11 -21.25
C PHE A 150 4.71 7.55 -22.65
N ASN A 154 7.84 7.19 -26.95
CA ASN A 154 6.48 7.76 -26.71
C ASN A 154 5.77 7.90 -28.05
N LYS A 155 4.65 7.18 -28.23
CA LYS A 155 3.79 7.18 -29.46
C LYS A 155 2.44 7.85 -29.14
N TRP A 156 1.79 7.49 -28.02
CA TRP A 156 0.59 8.17 -27.45
C TRP A 156 1.03 9.07 -26.29
N LYS A 157 0.20 10.06 -25.94
CA LYS A 157 0.45 11.00 -24.82
C LYS A 157 0.11 10.30 -23.49
N SER A 158 -1.20 10.12 -23.21
CA SER A 158 -1.75 9.57 -21.95
C SER A 158 -2.21 8.13 -22.18
N ALA A 159 -2.51 7.43 -21.07
CA ALA A 159 -3.06 6.06 -21.06
C ALA A 159 -4.45 6.06 -21.70
N ARG A 160 -5.25 7.08 -21.39
CA ARG A 160 -6.62 7.25 -21.93
C ARG A 160 -6.59 7.16 -23.47
N GLU A 161 -5.57 7.72 -24.13
CA GLU A 161 -5.46 7.76 -25.62
C GLU A 161 -5.08 6.40 -26.19
N ALA A 162 -4.06 5.74 -25.62
CA ALA A 162 -3.56 4.42 -26.07
C ALA A 162 -4.69 3.39 -26.10
N VAL A 163 -5.54 3.41 -25.08
CA VAL A 163 -6.61 2.40 -24.85
C VAL A 163 -7.73 2.57 -25.90
N GLU A 164 -7.87 3.79 -26.45
CA GLU A 164 -8.90 4.14 -27.46
C GLU A 164 -8.29 4.11 -28.88
N ASP A 165 -7.18 3.38 -29.09
CA ASP A 165 -6.50 3.25 -30.41
C ASP A 165 -6.12 1.78 -30.64
N SER A 166 -6.58 1.20 -31.75
CA SER A 166 -6.46 -0.24 -32.08
C SER A 166 -5.01 -0.62 -32.41
N GLY A 167 -4.16 0.36 -32.76
CA GLY A 167 -2.72 0.16 -33.03
C GLY A 167 -2.00 -0.35 -31.79
N PHE A 168 -2.23 0.32 -30.65
CA PHE A 168 -1.83 -0.13 -29.30
C PHE A 168 -2.14 -1.62 -29.14
N TRP A 169 -3.43 -1.98 -29.20
CA TRP A 169 -3.87 -3.38 -28.94
C TRP A 169 -3.17 -4.35 -29.91
N GLU A 170 -2.69 -3.88 -31.07
CA GLU A 170 -1.94 -4.75 -32.04
C GLU A 170 -0.51 -4.96 -31.49
N LEU A 171 0.06 -3.95 -30.83
CA LEU A 171 1.38 -4.06 -30.14
C LEU A 171 1.21 -5.05 -28.97
N VAL A 172 0.15 -4.83 -28.19
CA VAL A 172 -0.30 -5.76 -27.11
C VAL A 172 -0.40 -7.17 -27.71
N ASP A 173 -1.09 -7.33 -28.85
CA ASP A 173 -1.28 -8.66 -29.51
C ASP A 173 0.07 -9.28 -29.84
N LYS A 174 0.98 -8.52 -30.45
CA LYS A 174 2.31 -9.07 -30.85
C LYS A 174 3.01 -9.61 -29.60
N GLU A 175 3.06 -8.82 -28.52
CA GLU A 175 3.71 -9.23 -27.25
C GLU A 175 3.00 -10.47 -26.70
N ARG A 176 1.67 -10.43 -26.68
CA ARG A 176 0.83 -11.53 -26.15
C ARG A 176 1.19 -12.84 -26.84
N ASN A 177 1.25 -12.86 -28.18
CA ASN A 177 1.58 -14.09 -28.95
C ASN A 177 3.04 -14.47 -28.71
N LEU A 178 3.93 -13.51 -28.50
CA LEU A 178 5.33 -13.79 -28.06
C LEU A 178 5.34 -14.51 -26.71
N HIS A 179 4.55 -14.04 -25.73
CA HIS A 179 4.43 -14.67 -24.38
C HIS A 179 3.92 -16.13 -24.51
N LEU A 180 2.89 -16.39 -25.34
CA LEU A 180 2.38 -17.77 -25.60
C LEU A 180 3.50 -18.66 -26.17
N GLU A 181 4.42 -18.07 -26.93
CA GLU A 181 5.61 -18.75 -27.51
C GLU A 181 6.76 -18.84 -26.48
N GLY A 182 6.61 -18.28 -25.27
CA GLY A 182 7.61 -18.37 -24.19
C GLY A 182 8.76 -17.37 -24.33
N LYS A 183 8.54 -16.24 -25.04
CA LYS A 183 9.55 -15.21 -25.37
C LYS A 183 9.00 -13.81 -25.02
N CYS A 184 9.86 -12.80 -24.87
CA CYS A 184 9.50 -11.40 -24.46
C CYS A 184 10.36 -10.40 -25.26
N GLU A 185 9.75 -9.32 -25.76
CA GLU A 185 10.50 -8.29 -26.54
C GLU A 185 10.42 -6.91 -25.89
N THR A 186 9.32 -6.56 -25.23
CA THR A 186 9.05 -5.15 -24.85
C THR A 186 8.76 -4.98 -23.35
N CYS A 187 8.74 -6.04 -22.54
CA CYS A 187 8.44 -5.95 -21.08
C CYS A 187 9.72 -5.56 -20.29
N VAL A 188 9.98 -4.25 -20.23
CA VAL A 188 11.22 -3.63 -19.65
C VAL A 188 10.85 -2.65 -18.53
N TYR A 189 11.51 -2.74 -17.38
CA TYR A 189 11.23 -1.83 -16.24
C TYR A 189 12.06 -0.55 -16.39
N ASN A 190 11.48 0.55 -15.95
CA ASN A 190 12.14 1.88 -15.78
C ASN A 190 12.10 2.26 -14.30
N MET A 191 13.27 2.39 -13.66
CA MET A 191 13.40 2.59 -12.19
C MET A 191 13.30 4.08 -11.88
N MET A 192 12.71 4.45 -10.73
CA MET A 192 12.55 5.86 -10.24
C MET A 192 12.16 5.89 -8.75
N SER A 208 13.64 4.72 1.10
CA SER A 208 13.39 3.26 1.23
C SER A 208 12.33 2.77 0.23
N ARG A 209 12.19 3.45 -0.91
CA ARG A 209 11.14 3.18 -1.93
C ARG A 209 11.82 2.98 -3.29
N ALA A 210 11.03 2.51 -4.27
CA ALA A 210 11.45 2.25 -5.66
C ALA A 210 10.21 1.85 -6.46
N ILE A 211 9.88 2.61 -7.51
CA ILE A 211 8.71 2.33 -8.40
C ILE A 211 9.26 1.97 -9.78
N TRP A 212 8.94 0.76 -10.23
CA TRP A 212 9.39 0.22 -11.53
C TRP A 212 8.23 0.41 -12.52
N TYR A 213 8.20 1.56 -13.21
CA TYR A 213 7.22 1.89 -14.27
C TYR A 213 7.49 1.00 -15.50
N MET A 214 6.43 0.62 -16.23
CA MET A 214 6.53 -0.14 -17.49
C MET A 214 5.66 0.55 -18.54
N TRP A 215 5.82 0.25 -19.82
CA TRP A 215 4.88 0.76 -20.84
C TRP A 215 3.51 0.08 -20.63
N LEU A 216 2.44 0.80 -20.97
CA LEU A 216 1.04 0.46 -20.63
C LEU A 216 0.70 -0.96 -21.12
N GLY A 217 1.26 -1.37 -22.27
CA GLY A 217 1.12 -2.71 -22.85
C GLY A 217 1.62 -3.83 -21.95
N ALA A 218 2.81 -3.67 -21.37
CA ALA A 218 3.41 -4.65 -20.43
C ALA A 218 2.53 -4.73 -19.17
N ARG A 219 1.99 -3.58 -18.73
CA ARG A 219 1.11 -3.47 -17.53
C ARG A 219 -0.19 -4.21 -17.82
N PHE A 220 -0.70 -4.08 -19.05
CA PHE A 220 -1.97 -4.74 -19.43
C PHE A 220 -1.79 -6.24 -19.28
N LEU A 221 -0.72 -6.77 -19.90
CA LEU A 221 -0.43 -8.22 -19.92
C LEU A 221 -0.24 -8.73 -18.47
N GLU A 222 0.39 -7.94 -17.59
CA GLU A 222 0.51 -8.33 -16.16
C GLU A 222 -0.93 -8.39 -15.57
N PHE A 223 -1.80 -7.42 -15.89
CA PHE A 223 -3.16 -7.29 -15.29
C PHE A 223 -4.05 -8.42 -15.79
N GLU A 224 -3.97 -8.70 -17.08
CA GLU A 224 -4.71 -9.81 -17.72
C GLU A 224 -4.41 -11.12 -16.96
N ALA A 225 -3.15 -11.37 -16.59
CA ALA A 225 -2.71 -12.68 -16.09
C ALA A 225 -2.90 -12.81 -14.58
N LEU A 226 -2.68 -11.72 -13.82
CA LEU A 226 -2.53 -11.76 -12.33
C LEU A 226 -3.45 -10.73 -11.66
N GLY A 227 -4.22 -9.94 -12.41
CA GLY A 227 -5.17 -8.97 -11.86
C GLY A 227 -6.23 -9.60 -10.99
N PHE A 228 -6.57 -10.86 -11.25
CA PHE A 228 -7.62 -11.57 -10.50
C PHE A 228 -7.31 -11.55 -8.99
N LEU A 229 -6.04 -11.61 -8.62
CA LEU A 229 -5.71 -11.62 -7.15
C LEU A 229 -6.33 -10.41 -6.46
N ASN A 230 -6.26 -9.24 -7.08
CA ASN A 230 -6.84 -8.01 -6.50
C ASN A 230 -8.31 -7.86 -6.92
N GLU A 231 -8.62 -8.05 -8.20
CA GLU A 231 -10.00 -7.76 -8.69
C GLU A 231 -11.03 -8.67 -7.98
N ASP A 232 -10.66 -9.90 -7.63
CA ASP A 232 -11.57 -10.90 -7.00
C ASP A 232 -11.21 -11.13 -5.53
N HIS A 233 -10.43 -10.22 -4.92
CA HIS A 233 -10.26 -10.11 -3.46
C HIS A 233 -9.74 -11.41 -2.83
N TRP A 234 -8.66 -11.96 -3.36
CA TRP A 234 -8.00 -13.19 -2.85
C TRP A 234 -7.45 -12.94 -1.43
N PHE A 235 -7.09 -11.69 -1.14
CA PHE A 235 -6.50 -11.31 0.17
C PHE A 235 -7.49 -10.52 1.05
N SER A 236 -8.80 -10.56 0.77
CA SER A 236 -9.84 -10.16 1.75
C SER A 236 -9.64 -10.94 3.06
N ARG A 237 -10.05 -10.39 4.19
CA ARG A 237 -10.01 -11.15 5.47
C ARG A 237 -10.90 -12.40 5.41
N GLU A 238 -12.08 -12.34 4.77
CA GLU A 238 -12.98 -13.53 4.66
C GLU A 238 -12.25 -14.64 3.90
N ASN A 239 -11.54 -14.34 2.83
CA ASN A 239 -10.90 -15.37 2.00
C ASN A 239 -9.57 -15.88 2.60
N SER A 240 -8.70 -14.99 3.11
CA SER A 240 -7.27 -15.31 3.44
C SER A 240 -7.04 -15.42 4.96
N LEU A 241 -7.99 -15.00 5.80
CA LEU A 241 -8.01 -15.01 7.29
C LEU A 241 -6.96 -14.05 7.89
N SER A 242 -5.76 -13.95 7.31
CA SER A 242 -4.73 -12.96 7.77
C SER A 242 -4.87 -11.64 7.06
N GLY A 243 -5.37 -11.63 5.82
CA GLY A 243 -5.35 -10.42 4.98
C GLY A 243 -6.33 -9.37 5.46
N VAL A 244 -6.17 -8.17 4.91
CA VAL A 244 -7.07 -7.02 5.17
C VAL A 244 -7.38 -6.29 3.86
N GLU A 245 -7.22 -6.93 2.70
CA GLU A 245 -7.48 -6.23 1.41
C GLU A 245 -8.93 -5.79 1.36
N GLY A 246 -9.17 -4.53 1.04
CA GLY A 246 -10.56 -4.01 0.93
C GLY A 246 -11.16 -3.63 2.26
N GLU A 247 -10.42 -3.71 3.38
CA GLU A 247 -11.09 -3.64 4.69
C GLU A 247 -11.39 -2.19 5.03
N GLY A 248 -10.48 -1.25 4.82
CA GLY A 248 -10.77 0.16 5.19
C GLY A 248 -10.19 0.56 6.54
N LEU A 249 -9.75 1.80 6.68
N LEU A 249 -9.69 1.80 6.68
CA LEU A 249 -9.03 2.23 7.90
CA LEU A 249 -9.05 2.26 7.93
C LEU A 249 -9.97 2.19 9.12
C LEU A 249 -9.98 2.10 9.12
N HIS A 250 -11.29 2.31 8.95
CA HIS A 250 -12.33 2.21 10.00
C HIS A 250 -12.55 0.78 10.49
N LYS A 251 -11.96 -0.20 9.81
CA LYS A 251 -12.10 -1.62 10.22
C LYS A 251 -10.81 -2.11 10.87
N LEU A 252 -9.67 -1.53 10.55
CA LEU A 252 -8.37 -2.15 10.95
C LEU A 252 -8.26 -2.23 12.46
N GLY A 253 -8.71 -1.21 13.22
CA GLY A 253 -8.57 -1.24 14.67
C GLY A 253 -9.46 -2.34 15.26
N TYR A 254 -10.69 -2.48 14.75
CA TYR A 254 -11.57 -3.57 15.19
C TYR A 254 -10.93 -4.95 14.91
N ILE A 255 -10.28 -5.11 13.76
CA ILE A 255 -9.57 -6.37 13.42
C ILE A 255 -8.45 -6.61 14.44
N LEU A 256 -7.62 -5.63 14.76
CA LEU A 256 -6.53 -5.82 15.77
C LEU A 256 -7.13 -6.15 17.14
N ARG A 257 -8.25 -5.53 17.53
CA ARG A 257 -8.86 -5.83 18.84
C ARG A 257 -9.37 -7.28 18.82
N ASP A 258 -9.85 -7.78 17.68
CA ASP A 258 -10.35 -9.19 17.60
C ASP A 258 -9.15 -10.15 17.74
N VAL A 259 -8.02 -9.85 17.13
CA VAL A 259 -6.77 -10.66 17.27
C VAL A 259 -6.40 -10.64 18.77
N SER A 260 -6.49 -9.49 19.44
CA SER A 260 -6.09 -9.33 20.87
C SER A 260 -6.91 -10.28 21.77
N LYS A 261 -8.10 -10.70 21.35
CA LYS A 261 -9.04 -11.51 22.15
C LYS A 261 -8.60 -12.97 22.18
N LYS A 262 -7.73 -13.38 21.28
CA LYS A 262 -7.18 -14.75 21.24
C LYS A 262 -6.35 -14.96 22.50
N GLU A 263 -6.35 -16.16 23.03
CA GLU A 263 -5.36 -16.53 24.06
C GLU A 263 -3.98 -16.56 23.37
N GLY A 264 -2.95 -16.05 24.04
CA GLY A 264 -1.59 -16.26 23.56
C GLY A 264 -0.63 -15.23 24.11
N GLY A 265 0.46 -14.99 23.39
CA GLY A 265 1.55 -14.14 23.87
C GLY A 265 1.33 -12.67 23.52
N ALA A 266 2.40 -11.90 23.54
CA ALA A 266 2.41 -10.48 23.14
C ALA A 266 1.99 -10.37 21.69
N MET A 267 1.63 -9.16 21.25
CA MET A 267 1.41 -8.90 19.81
C MET A 267 2.72 -8.40 19.20
N TYR A 268 3.22 -9.07 18.15
CA TYR A 268 4.50 -8.74 17.50
C TYR A 268 4.22 -8.00 16.20
N ALA A 269 4.96 -6.94 15.95
CA ALA A 269 4.79 -6.11 14.74
C ALA A 269 6.14 -5.78 14.15
N ASP A 270 6.90 -6.79 13.77
CA ASP A 270 8.31 -6.55 13.36
C ASP A 270 8.30 -6.08 11.92
N ASP A 271 8.96 -4.97 11.65
CA ASP A 271 9.17 -4.47 10.26
C ASP A 271 10.41 -5.15 9.65
N THR A 272 10.32 -5.52 8.37
CA THR A 272 11.48 -6.05 7.61
C THR A 272 12.26 -4.85 7.08
N ALA A 273 13.60 -4.95 7.09
CA ALA A 273 14.49 -3.98 6.42
C ALA A 273 14.42 -4.24 4.90
N GLY A 274 13.74 -3.38 4.15
CA GLY A 274 13.75 -3.36 2.67
C GLY A 274 13.12 -4.61 2.07
N TRP A 275 11.88 -4.90 2.44
CA TRP A 275 11.19 -6.17 2.08
C TRP A 275 11.41 -6.51 0.59
N ASP A 276 11.08 -5.61 -0.32
CA ASP A 276 11.10 -5.87 -1.80
C ASP A 276 12.49 -6.36 -2.23
N THR A 277 13.56 -5.85 -1.58
CA THR A 277 14.96 -6.24 -1.90
C THR A 277 15.30 -7.61 -1.30
N ARG A 278 14.49 -8.18 -0.41
CA ARG A 278 14.80 -9.48 0.25
C ARG A 278 13.97 -10.63 -0.31
N ILE A 279 13.18 -10.38 -1.36
CA ILE A 279 12.42 -11.41 -2.10
C ILE A 279 13.45 -12.27 -2.86
N THR A 280 13.53 -13.55 -2.53
CA THR A 280 14.53 -14.48 -3.12
C THR A 280 13.98 -15.12 -4.39
N LEU A 281 14.86 -15.80 -5.13
CA LEU A 281 14.37 -16.55 -6.31
C LEU A 281 13.48 -17.70 -5.82
N GLU A 282 13.76 -18.26 -4.63
CA GLU A 282 12.90 -19.31 -4.01
C GLU A 282 11.49 -18.76 -3.73
N ASP A 283 11.39 -17.53 -3.18
CA ASP A 283 10.10 -16.84 -2.97
C ASP A 283 9.34 -16.70 -4.32
N LEU A 284 10.01 -16.23 -5.38
CA LEU A 284 9.34 -16.04 -6.71
C LEU A 284 8.82 -17.37 -7.28
N LYS A 285 9.52 -18.48 -7.03
CA LYS A 285 9.12 -19.86 -7.46
C LYS A 285 7.92 -20.35 -6.65
N ASN A 286 7.85 -20.04 -5.36
CA ASN A 286 6.67 -20.39 -4.55
C ASN A 286 5.47 -19.54 -4.97
N GLU A 287 5.65 -18.26 -5.28
CA GLU A 287 4.55 -17.37 -5.72
C GLU A 287 3.98 -17.90 -7.06
N GLU A 288 4.88 -18.34 -7.95
N GLU A 288 4.89 -18.34 -7.94
CA GLU A 288 4.51 -18.85 -9.31
CA GLU A 288 4.57 -18.87 -9.30
C GLU A 288 3.59 -20.07 -9.21
C GLU A 288 3.62 -20.08 -9.21
N MET A 289 3.60 -20.80 -8.09
CA MET A 289 2.72 -22.00 -7.93
C MET A 289 1.23 -21.63 -8.01
N VAL A 290 0.86 -20.35 -8.03
CA VAL A 290 -0.57 -20.01 -8.22
C VAL A 290 -0.98 -20.56 -9.60
N THR A 291 -0.05 -20.63 -10.55
CA THR A 291 -0.31 -21.12 -11.96
C THR A 291 -0.75 -22.59 -11.97
N ASN A 292 -0.43 -23.37 -10.92
CA ASN A 292 -0.85 -24.79 -10.79
C ASN A 292 -2.38 -24.89 -10.69
N HIS A 293 -3.06 -23.78 -10.41
CA HIS A 293 -4.51 -23.70 -10.19
C HIS A 293 -5.21 -23.15 -11.44
N MET A 294 -4.46 -22.92 -12.52
CA MET A 294 -4.98 -22.29 -13.74
C MET A 294 -5.10 -23.35 -14.84
N GLU A 295 -5.69 -22.97 -15.98
CA GLU A 295 -5.82 -23.84 -17.18
C GLU A 295 -5.77 -22.99 -18.44
N GLY A 296 -5.58 -23.64 -19.59
CA GLY A 296 -5.70 -23.03 -20.92
C GLY A 296 -4.69 -21.92 -21.15
N GLU A 297 -5.12 -20.93 -21.93
CA GLU A 297 -4.40 -19.67 -22.26
C GLU A 297 -3.93 -19.03 -20.94
N HIS A 298 -4.87 -18.82 -20.02
CA HIS A 298 -4.58 -18.14 -18.73
C HIS A 298 -3.31 -18.73 -18.13
N LYS A 299 -3.25 -20.05 -17.95
CA LYS A 299 -2.09 -20.75 -17.35
C LYS A 299 -0.82 -20.33 -18.10
N LYS A 300 -0.87 -20.27 -19.43
CA LYS A 300 0.34 -19.99 -20.25
C LYS A 300 0.72 -18.52 -20.11
N LEU A 301 -0.26 -17.61 -20.12
CA LEU A 301 -0.03 -16.16 -20.04
C LEU A 301 0.56 -15.81 -18.65
N ALA A 302 0.09 -16.45 -17.57
CA ALA A 302 0.59 -16.22 -16.18
C ALA A 302 2.00 -16.81 -16.03
N GLU A 303 2.22 -18.01 -16.56
CA GLU A 303 3.54 -18.68 -16.50
C GLU A 303 4.60 -17.78 -17.17
N ALA A 304 4.22 -17.04 -18.21
CA ALA A 304 5.12 -16.15 -18.97
C ALA A 304 5.42 -14.90 -18.14
N ILE A 305 4.41 -14.31 -17.49
CA ILE A 305 4.64 -13.13 -16.61
C ILE A 305 5.70 -13.54 -15.56
N PHE A 306 5.52 -14.66 -14.86
CA PHE A 306 6.42 -15.08 -13.76
C PHE A 306 7.82 -15.36 -14.32
N LYS A 307 7.93 -16.12 -15.42
CA LYS A 307 9.25 -16.58 -15.97
C LYS A 307 10.00 -15.42 -16.61
N LEU A 308 9.31 -14.65 -17.44
CA LEU A 308 9.97 -13.71 -18.39
C LEU A 308 10.13 -12.32 -17.76
N THR A 309 9.24 -11.89 -16.87
CA THR A 309 9.29 -10.50 -16.31
C THR A 309 9.61 -10.50 -14.81
N TYR A 310 9.30 -11.54 -14.03
CA TYR A 310 9.52 -11.49 -12.56
C TYR A 310 10.83 -12.18 -12.20
N GLN A 311 11.05 -13.41 -12.71
CA GLN A 311 12.24 -14.24 -12.41
C GLN A 311 13.41 -13.88 -13.36
N ASN A 312 13.15 -13.01 -14.33
CA ASN A 312 14.18 -12.40 -15.22
C ASN A 312 13.69 -10.99 -15.51
N LYS A 313 14.46 -9.98 -15.17
CA LYS A 313 14.02 -8.57 -15.26
C LYS A 313 15.04 -7.80 -16.10
N VAL A 314 14.56 -6.87 -16.91
CA VAL A 314 15.39 -5.91 -17.68
C VAL A 314 14.97 -4.53 -17.22
N VAL A 315 15.92 -3.71 -16.79
CA VAL A 315 15.61 -2.41 -16.14
C VAL A 315 16.47 -1.31 -16.77
N ARG A 316 15.91 -0.12 -16.94
CA ARG A 316 16.67 1.06 -17.39
C ARG A 316 16.65 2.11 -16.26
N VAL A 317 17.82 2.66 -15.93
CA VAL A 317 18.07 3.54 -14.74
C VAL A 317 18.87 4.75 -15.21
N GLN A 318 18.46 5.95 -14.78
CA GLN A 318 19.15 7.24 -15.08
C GLN A 318 20.32 7.43 -14.12
N ARG A 319 21.53 7.62 -14.67
CA ARG A 319 22.79 7.91 -13.93
C ARG A 319 23.33 9.26 -14.40
N PRO A 320 23.64 10.22 -13.48
CA PRO A 320 24.10 11.56 -13.87
C PRO A 320 25.50 11.60 -14.52
N THR A 321 26.32 10.57 -14.31
CA THR A 321 27.70 10.41 -14.87
C THR A 321 27.68 10.66 -16.38
N THR A 325 23.87 12.93 -17.93
CA THR A 325 22.81 11.91 -17.70
C THR A 325 22.89 10.85 -18.80
N VAL A 326 23.14 9.58 -18.44
CA VAL A 326 23.06 8.41 -19.38
C VAL A 326 21.92 7.49 -18.92
N MET A 327 21.63 6.45 -19.70
CA MET A 327 20.64 5.38 -19.37
C MET A 327 21.37 4.04 -19.31
N ASP A 328 21.32 3.37 -18.16
CA ASP A 328 21.95 2.04 -17.93
C ASP A 328 20.88 0.95 -18.08
N ILE A 329 21.21 -0.10 -18.84
CA ILE A 329 20.38 -1.31 -19.07
C ILE A 329 20.98 -2.43 -18.22
N ILE A 330 20.29 -2.79 -17.13
CA ILE A 330 20.78 -3.78 -16.14
C ILE A 330 19.74 -4.89 -16.00
N SER A 331 20.14 -6.05 -15.52
CA SER A 331 19.25 -7.23 -15.37
C SER A 331 19.49 -7.89 -14.01
N ARG A 332 18.46 -8.54 -13.44
CA ARG A 332 18.65 -9.53 -12.34
C ARG A 332 17.45 -10.45 -12.23
N ARG A 333 17.63 -11.52 -11.48
CA ARG A 333 16.69 -12.66 -11.43
C ARG A 333 15.76 -12.49 -10.21
N ASP A 334 16.28 -11.99 -9.10
CA ASP A 334 15.53 -11.94 -7.81
C ASP A 334 15.12 -10.50 -7.49
N GLN A 335 14.58 -10.30 -6.27
CA GLN A 335 13.93 -9.05 -5.80
C GLN A 335 12.55 -8.91 -6.43
N ARG A 336 11.73 -8.10 -5.77
CA ARG A 336 10.39 -7.71 -6.24
C ARG A 336 10.52 -6.50 -7.16
N GLY A 337 9.91 -6.63 -8.32
CA GLY A 337 9.72 -5.58 -9.35
C GLY A 337 8.57 -6.03 -10.23
N SER A 338 7.36 -5.70 -9.80
CA SER A 338 6.09 -5.94 -10.51
C SER A 338 5.32 -4.61 -10.45
N GLY A 339 4.15 -4.52 -11.07
CA GLY A 339 3.20 -3.43 -10.80
C GLY A 339 2.85 -3.41 -9.32
N GLN A 340 2.51 -2.23 -8.78
CA GLN A 340 2.29 -1.97 -7.34
C GLN A 340 1.15 -2.87 -6.81
N VAL A 341 0.08 -3.10 -7.59
CA VAL A 341 -1.09 -3.89 -7.08
C VAL A 341 -0.75 -5.39 -7.01
N VAL A 342 -0.15 -5.96 -8.06
CA VAL A 342 0.37 -7.36 -7.98
C VAL A 342 1.44 -7.48 -6.87
N THR A 343 2.35 -6.51 -6.77
CA THR A 343 3.34 -6.49 -5.66
C THR A 343 2.60 -6.63 -4.32
N TYR A 344 1.50 -5.90 -4.11
CA TYR A 344 0.82 -5.91 -2.80
C TYR A 344 0.33 -7.33 -2.52
N GLY A 345 -0.30 -7.99 -3.49
CA GLY A 345 -0.88 -9.33 -3.26
C GLY A 345 0.21 -10.38 -3.05
N LEU A 346 1.30 -10.36 -3.82
CA LEU A 346 2.35 -11.37 -3.65
C LEU A 346 3.16 -11.12 -2.38
N ASN A 347 3.39 -9.86 -2.00
CA ASN A 347 4.01 -9.52 -0.69
C ASN A 347 3.11 -10.08 0.41
N THR A 348 1.79 -9.88 0.35
CA THR A 348 0.87 -10.41 1.39
C THR A 348 1.02 -11.94 1.46
N PHE A 349 1.05 -12.61 0.30
CA PHE A 349 1.17 -14.08 0.24
C PHE A 349 2.44 -14.57 0.95
N THR A 350 3.56 -13.99 0.56
CA THR A 350 4.90 -14.44 1.01
C THR A 350 5.07 -14.05 2.49
N ASN A 351 4.48 -12.95 2.93
CA ASN A 351 4.54 -12.55 4.36
C ASN A 351 3.68 -13.53 5.18
N MET A 352 2.50 -13.93 4.68
CA MET A 352 1.65 -14.90 5.38
C MET A 352 2.48 -16.18 5.54
N GLU A 353 3.13 -16.60 4.47
CA GLU A 353 3.94 -17.85 4.47
C GLU A 353 5.05 -17.74 5.53
N ALA A 354 5.85 -16.67 5.47
CA ALA A 354 6.99 -16.44 6.37
C ALA A 354 6.52 -16.41 7.82
N GLN A 355 5.41 -15.74 8.11
CA GLN A 355 4.96 -15.66 9.51
C GLN A 355 4.37 -16.99 10.00
N LEU A 356 3.75 -17.81 9.15
CA LEU A 356 3.29 -19.15 9.60
C LEU A 356 4.52 -19.98 9.97
N ILE A 357 5.57 -19.85 9.20
CA ILE A 357 6.81 -20.65 9.43
C ILE A 357 7.43 -20.17 10.75
N ARG A 358 7.48 -18.85 10.97
CA ARG A 358 7.98 -18.35 12.26
C ARG A 358 7.12 -18.90 13.39
N GLN A 359 5.79 -18.90 13.26
CA GLN A 359 4.91 -19.54 14.26
C GLN A 359 5.31 -21.04 14.41
N MET A 360 5.51 -21.78 13.33
CA MET A 360 5.87 -23.22 13.45
C MET A 360 7.17 -23.30 14.28
N GLU A 361 8.16 -22.47 14.00
CA GLU A 361 9.45 -22.53 14.70
C GLU A 361 9.22 -22.30 16.19
N GLY A 362 8.42 -21.30 16.56
CA GLY A 362 8.16 -21.01 17.98
C GLY A 362 7.49 -22.22 18.66
N GLU A 363 6.65 -22.96 17.95
CA GLU A 363 5.86 -24.06 18.53
C GLU A 363 6.67 -25.37 18.52
N GLY A 364 7.88 -25.36 18.01
CA GLY A 364 8.74 -26.56 17.96
C GLY A 364 8.30 -27.56 16.91
N VAL A 365 7.65 -27.15 15.82
CA VAL A 365 7.13 -28.14 14.83
C VAL A 365 8.33 -28.80 14.12
N PHE A 366 9.42 -28.08 13.98
CA PHE A 366 10.69 -28.56 13.36
C PHE A 366 11.84 -28.06 14.24
N LYS A 367 12.99 -28.74 14.19
CA LYS A 367 14.12 -28.55 15.14
C LYS A 367 15.19 -27.69 14.48
N SER A 368 15.38 -27.80 13.17
CA SER A 368 16.53 -27.17 12.45
C SER A 368 16.16 -26.88 11.00
N ILE A 369 16.65 -25.74 10.50
CA ILE A 369 16.45 -25.28 9.10
C ILE A 369 17.46 -25.95 8.18
N GLN A 370 18.46 -26.61 8.74
CA GLN A 370 19.55 -27.24 7.94
C GLN A 370 18.89 -28.30 7.06
N HIS A 371 17.92 -29.04 7.61
CA HIS A 371 17.31 -30.22 6.96
C HIS A 371 16.05 -30.60 7.75
N LEU A 372 14.95 -30.81 7.02
CA LEU A 372 13.70 -31.44 7.51
C LEU A 372 13.81 -32.94 7.27
N THR A 373 13.64 -33.73 8.33
CA THR A 373 13.53 -35.19 8.27
C THR A 373 12.20 -35.50 7.60
N VAL A 374 12.01 -36.74 7.15
CA VAL A 374 10.76 -37.16 6.45
C VAL A 374 9.58 -37.00 7.41
N THR A 375 9.79 -37.30 8.69
CA THR A 375 8.75 -37.25 9.75
C THR A 375 8.45 -35.79 10.15
N GLU A 376 9.40 -34.86 10.01
CA GLU A 376 9.11 -33.42 10.27
C GLU A 376 8.21 -32.91 9.15
N GLU A 377 8.48 -33.32 7.90
CA GLU A 377 7.65 -32.93 6.73
C GLU A 377 6.19 -33.27 7.00
N ILE A 378 5.92 -34.48 7.48
CA ILE A 378 4.53 -34.93 7.80
C ILE A 378 4.01 -34.11 9.01
N ALA A 379 4.86 -33.78 9.97
CA ALA A 379 4.49 -32.98 11.16
C ALA A 379 4.02 -31.58 10.71
N VAL A 380 4.79 -30.98 9.80
CA VAL A 380 4.54 -29.62 9.23
C VAL A 380 3.23 -29.66 8.45
N LYS A 381 3.06 -30.63 7.53
CA LYS A 381 1.78 -30.72 6.76
C LYS A 381 0.63 -30.92 7.74
N ASN A 382 0.84 -31.75 8.77
CA ASN A 382 -0.26 -32.08 9.72
C ASN A 382 -0.63 -30.85 10.56
N TRP A 383 0.35 -30.07 10.99
CA TRP A 383 0.13 -28.78 11.72
C TRP A 383 -0.77 -27.87 10.85
N LEU A 384 -0.41 -27.71 9.59
CA LEU A 384 -1.17 -26.83 8.63
C LEU A 384 -2.63 -27.28 8.52
N VAL A 385 -2.88 -28.57 8.26
CA VAL A 385 -4.25 -29.13 8.14
C VAL A 385 -4.97 -28.95 9.46
N ARG A 386 -4.30 -29.22 10.59
CA ARG A 386 -4.96 -29.24 11.92
C ARG A 386 -5.23 -27.82 12.43
N VAL A 387 -4.26 -26.90 12.36
CA VAL A 387 -4.42 -25.57 13.03
C VAL A 387 -4.05 -24.41 12.08
N GLY A 388 -3.67 -24.67 10.83
CA GLY A 388 -3.21 -23.62 9.89
C GLY A 388 -4.20 -22.46 9.82
N ARG A 389 -5.49 -22.74 9.64
CA ARG A 389 -6.51 -21.67 9.53
C ARG A 389 -6.59 -20.86 10.85
N GLU A 390 -6.51 -21.51 12.01
CA GLU A 390 -6.49 -20.78 13.31
C GLU A 390 -5.26 -19.88 13.39
N ARG A 391 -4.10 -20.36 12.94
CA ARG A 391 -2.84 -19.59 13.05
C ARG A 391 -2.88 -18.39 12.09
N LEU A 392 -3.56 -18.51 10.95
CA LEU A 392 -3.71 -17.37 9.99
C LEU A 392 -4.58 -16.29 10.66
N SER A 393 -5.59 -16.69 11.45
CA SER A 393 -6.55 -15.77 12.07
C SER A 393 -5.85 -14.98 13.19
N ARG A 394 -4.65 -15.42 13.61
CA ARG A 394 -3.88 -14.74 14.68
C ARG A 394 -3.07 -13.60 14.07
N MET A 395 -3.24 -13.34 12.78
CA MET A 395 -2.39 -12.35 12.06
C MET A 395 -3.26 -11.31 11.32
N ALA A 396 -2.68 -10.10 11.16
CA ALA A 396 -3.18 -9.06 10.26
C ALA A 396 -2.00 -8.65 9.39
N ILE A 397 -2.13 -8.91 8.09
CA ILE A 397 -1.00 -8.78 7.14
C ILE A 397 -1.46 -7.94 5.95
N SER A 398 -0.73 -6.88 5.71
CA SER A 398 -0.94 -5.90 4.62
C SER A 398 0.37 -5.75 3.87
N GLY A 399 0.57 -6.55 2.81
CA GLY A 399 1.86 -6.59 2.12
C GLY A 399 2.99 -6.93 3.09
N ASP A 400 4.01 -6.08 3.18
CA ASP A 400 5.19 -6.33 4.06
C ASP A 400 4.87 -6.01 5.52
N ASP A 401 3.70 -5.49 5.83
CA ASP A 401 3.37 -5.06 7.21
C ASP A 401 2.61 -6.18 7.92
N CYS A 402 3.04 -6.60 9.10
CA CYS A 402 2.31 -7.67 9.82
C CYS A 402 2.13 -7.32 11.30
N VAL A 403 1.09 -7.91 11.86
CA VAL A 403 0.84 -8.03 13.33
C VAL A 403 0.53 -9.49 13.56
N VAL A 404 1.20 -10.10 14.53
CA VAL A 404 1.06 -11.55 14.84
C VAL A 404 0.81 -11.71 16.32
N LYS A 405 -0.24 -12.42 16.73
CA LYS A 405 -0.43 -12.80 18.16
C LYS A 405 -0.21 -14.32 18.26
N PRO A 406 1.05 -14.76 18.49
CA PRO A 406 1.34 -16.20 18.51
C PRO A 406 0.75 -16.91 19.73
N LEU A 407 0.81 -18.25 19.72
CA LEU A 407 0.30 -19.10 20.81
C LEU A 407 0.96 -18.72 22.14
N ASP A 408 2.22 -18.30 22.13
CA ASP A 408 2.98 -17.92 23.35
C ASP A 408 4.22 -17.13 22.92
N ASP A 409 5.08 -16.75 23.85
CA ASP A 409 6.21 -15.82 23.54
C ASP A 409 7.47 -16.57 23.09
N ARG A 410 7.43 -17.89 22.88
CA ARG A 410 8.59 -18.58 22.22
C ARG A 410 8.86 -17.95 20.85
N PHE A 411 7.80 -17.46 20.18
CA PHE A 411 7.87 -16.72 18.90
C PHE A 411 8.94 -15.63 18.93
N ALA A 412 9.10 -14.89 20.03
CA ALA A 412 10.01 -13.73 20.13
C ALA A 412 11.45 -14.12 19.73
N SER A 413 11.89 -15.32 20.15
CA SER A 413 13.29 -15.76 19.91
C SER A 413 13.34 -16.84 18.84
N ALA A 414 12.27 -17.05 18.07
CA ALA A 414 12.24 -18.02 16.95
C ALA A 414 12.66 -17.29 15.68
N LEU A 415 13.96 -17.21 15.39
CA LEU A 415 14.55 -16.28 14.40
C LEU A 415 15.29 -17.04 13.28
N THR A 416 15.51 -18.34 13.37
CA THR A 416 16.43 -19.02 12.42
C THR A 416 15.81 -19.03 11.01
N ALA A 417 14.54 -19.43 10.88
CA ALA A 417 13.84 -19.48 9.56
C ALA A 417 13.70 -18.05 9.02
N LEU A 418 13.25 -17.09 9.86
CA LEU A 418 12.99 -15.70 9.42
C LEU A 418 14.27 -15.10 8.83
N ASN A 419 15.43 -15.28 9.50
CA ASN A 419 16.71 -14.71 9.04
C ASN A 419 17.17 -15.47 7.79
N ASP A 420 17.02 -16.79 7.77
CA ASP A 420 17.51 -17.64 6.64
C ASP A 420 16.63 -17.43 5.38
N MET A 421 15.36 -17.05 5.53
CA MET A 421 14.49 -16.70 4.37
C MET A 421 14.87 -15.32 3.83
N GLY A 422 15.76 -14.58 4.52
CA GLY A 422 16.22 -13.23 4.16
C GLY A 422 15.37 -12.11 4.74
N LYS A 423 14.35 -12.41 5.54
CA LYS A 423 13.39 -11.38 6.07
C LYS A 423 13.92 -10.81 7.40
N VAL A 424 15.09 -10.19 7.31
CA VAL A 424 15.84 -9.61 8.45
C VAL A 424 15.07 -8.39 8.98
N ARG A 425 14.89 -8.37 10.30
CA ARG A 425 14.11 -7.36 11.02
C ARG A 425 14.89 -6.05 11.01
N LYS A 426 14.17 -4.94 10.86
CA LYS A 426 14.69 -3.56 10.89
C LYS A 426 15.03 -3.16 12.35
N ASP A 427 16.15 -2.49 12.57
CA ASP A 427 16.42 -1.69 13.82
C ASP A 427 16.47 -2.60 15.07
N ILE A 428 17.10 -3.77 14.95
CA ILE A 428 17.33 -4.76 16.03
C ILE A 428 18.45 -5.67 15.53
N GLN A 429 19.32 -6.14 16.43
CA GLN A 429 20.43 -7.05 16.04
C GLN A 429 19.84 -8.42 15.69
N GLN A 430 20.52 -9.13 14.81
CA GLN A 430 19.98 -10.29 14.07
C GLN A 430 19.39 -11.31 15.04
N TRP A 431 20.00 -11.51 16.22
CA TRP A 431 19.67 -12.65 17.10
C TRP A 431 19.03 -12.17 18.41
N GLU A 432 18.79 -10.86 18.53
CA GLU A 432 18.09 -10.25 19.69
C GLU A 432 16.60 -10.58 19.56
N PRO A 433 15.98 -11.09 20.63
CA PRO A 433 14.57 -11.46 20.61
C PRO A 433 13.67 -10.26 20.32
N SER A 434 12.62 -10.45 19.52
CA SER A 434 11.62 -9.37 19.25
C SER A 434 11.04 -8.85 20.56
N ARG A 435 10.79 -7.54 20.67
CA ARG A 435 9.94 -6.99 21.75
C ARG A 435 8.49 -6.88 21.21
N GLY A 436 7.56 -7.44 21.95
CA GLY A 436 6.13 -7.46 21.63
C GLY A 436 5.40 -6.33 22.33
N TRP A 437 4.16 -6.12 21.96
CA TRP A 437 3.27 -5.11 22.55
C TRP A 437 2.29 -5.82 23.46
N ASN A 438 2.06 -5.26 24.65
CA ASN A 438 1.12 -5.86 25.62
C ASN A 438 -0.29 -5.31 25.46
N ASP A 439 -0.49 -4.28 24.64
CA ASP A 439 -1.81 -3.61 24.53
C ASP A 439 -2.04 -3.33 23.06
N TRP A 440 -3.14 -3.86 22.51
CA TRP A 440 -3.49 -3.73 21.08
C TRP A 440 -3.58 -2.24 20.68
N THR A 441 -3.88 -1.35 21.62
CA THR A 441 -4.01 0.11 21.34
C THR A 441 -2.64 0.75 21.12
N GLN A 442 -1.54 0.04 21.37
CA GLN A 442 -0.16 0.55 21.20
C GLN A 442 0.50 0.00 19.93
N VAL A 443 -0.06 -1.05 19.36
CA VAL A 443 0.54 -1.78 18.18
C VAL A 443 0.53 -0.88 16.95
N PRO A 444 1.66 -0.73 16.24
CA PRO A 444 1.61 -0.04 14.96
C PRO A 444 1.10 -0.96 13.84
N PHE A 445 0.32 -0.43 12.91
CA PHE A 445 -0.12 -1.21 11.72
C PHE A 445 -0.57 -0.25 10.63
N CYS A 446 -0.06 -0.41 9.40
CA CYS A 446 -0.46 0.46 8.25
C CYS A 446 -0.29 1.95 8.61
N SER A 447 0.81 2.29 9.27
CA SER A 447 1.24 3.68 9.64
C SER A 447 0.30 4.29 10.70
N HIS A 448 -0.52 3.51 11.37
CA HIS A 448 -1.48 4.02 12.39
C HIS A 448 -1.31 3.27 13.71
N HIS A 449 -1.92 3.83 14.74
CA HIS A 449 -2.33 3.10 15.97
C HIS A 449 -3.81 3.34 16.14
N PHE A 450 -4.43 2.68 17.09
CA PHE A 450 -5.89 2.66 17.23
C PHE A 450 -6.32 2.93 18.66
N HIS A 451 -7.37 3.73 18.82
CA HIS A 451 -7.91 4.14 20.14
C HIS A 451 -9.28 3.50 20.35
N GLU A 452 -9.61 3.16 21.60
CA GLU A 452 -11.00 2.75 21.97
C GLU A 452 -11.71 4.00 22.49
N LEU A 453 -12.80 4.43 21.88
CA LEU A 453 -13.42 5.75 22.20
C LEU A 453 -14.88 5.51 22.56
N ILE A 454 -15.30 5.92 23.76
CA ILE A 454 -16.68 5.60 24.22
C ILE A 454 -17.58 6.83 24.00
N MET A 455 -18.62 6.63 23.24
CA MET A 455 -19.62 7.68 22.94
C MET A 455 -20.39 7.99 24.22
N LYS A 456 -20.88 9.23 24.33
N LYS A 456 -20.89 9.22 24.34
CA LYS A 456 -21.72 9.67 25.49
CA LYS A 456 -21.70 9.66 25.50
C LYS A 456 -22.84 8.67 25.72
C LYS A 456 -22.83 8.65 25.72
N ASP A 457 -23.35 8.02 24.66
CA ASP A 457 -24.46 7.04 24.75
C ASP A 457 -23.97 5.62 25.11
N GLY A 458 -22.69 5.41 25.41
CA GLY A 458 -22.18 4.07 25.79
C GLY A 458 -21.60 3.23 24.66
N ARG A 459 -21.84 3.54 23.38
CA ARG A 459 -21.43 2.64 22.29
C ARG A 459 -19.91 2.87 22.07
N VAL A 460 -19.23 1.86 21.55
CA VAL A 460 -17.74 1.83 21.47
C VAL A 460 -17.30 1.97 20.02
N LEU A 461 -16.46 2.99 19.77
CA LEU A 461 -15.80 3.19 18.46
C LEU A 461 -14.33 2.77 18.61
N VAL A 462 -13.81 2.07 17.63
CA VAL A 462 -12.34 1.84 17.56
C VAL A 462 -11.85 2.63 16.36
N VAL A 463 -11.04 3.64 16.62
CA VAL A 463 -10.70 4.69 15.62
C VAL A 463 -9.22 4.69 15.26
N PRO A 464 -8.93 5.01 13.98
CA PRO A 464 -7.54 5.13 13.51
C PRO A 464 -6.93 6.47 13.92
N CYS A 465 -5.62 6.47 14.10
CA CYS A 465 -4.89 7.68 14.60
C CYS A 465 -3.45 7.62 14.11
N ARG A 466 -2.83 8.78 13.95
CA ARG A 466 -1.38 8.89 13.82
C ARG A 466 -1.00 10.31 14.21
N ASN A 467 0.28 10.51 14.43
CA ASN A 467 0.73 11.85 14.88
C ASN A 467 0.13 12.92 13.96
N GLN A 468 -0.43 13.99 14.53
CA GLN A 468 -1.24 14.94 13.71
C GLN A 468 -0.36 15.75 12.75
N ASP A 469 0.92 15.95 13.08
CA ASP A 469 1.84 16.66 12.15
C ASP A 469 1.91 15.91 10.82
N GLU A 470 1.91 14.58 10.84
CA GLU A 470 1.98 13.76 9.62
C GLU A 470 0.72 14.00 8.78
N LEU A 471 -0.44 14.02 9.42
CA LEU A 471 -1.73 14.23 8.70
C LEU A 471 -1.76 15.61 8.05
N ILE A 472 -1.42 16.64 8.81
CA ILE A 472 -1.50 18.02 8.29
C ILE A 472 -0.44 18.24 7.22
N GLY A 473 0.76 17.71 7.43
CA GLY A 473 1.83 17.91 6.45
C GLY A 473 1.49 17.21 5.13
N ARG A 474 0.86 16.04 5.18
CA ARG A 474 0.50 15.32 3.92
C ARG A 474 -0.60 16.07 3.16
N ALA A 475 -1.61 16.61 3.85
CA ALA A 475 -2.77 17.29 3.22
C ALA A 475 -2.30 18.61 2.57
N ARG A 476 -1.15 19.15 3.00
CA ARG A 476 -0.59 20.42 2.44
C ARG A 476 0.18 20.17 1.15
N ILE A 477 0.33 18.92 0.71
CA ILE A 477 1.15 18.59 -0.47
C ILE A 477 0.28 18.08 -1.61
N SER A 478 0.66 18.49 -2.82
N SER A 478 0.62 18.51 -2.83
CA SER A 478 0.14 17.93 -4.10
CA SER A 478 0.10 17.90 -4.10
C SER A 478 1.30 17.38 -4.93
C SER A 478 1.26 17.48 -5.00
N GLN A 479 0.98 16.56 -5.94
CA GLN A 479 1.97 16.04 -6.91
C GLN A 479 1.52 16.46 -8.30
N GLY A 480 2.47 16.76 -9.20
CA GLY A 480 2.17 17.02 -10.62
C GLY A 480 1.89 18.48 -10.92
N ALA A 481 1.80 18.79 -12.22
CA ALA A 481 1.72 20.16 -12.78
C ALA A 481 0.29 20.46 -13.27
N GLY A 482 0.05 21.72 -13.58
CA GLY A 482 -1.16 22.24 -14.27
C GLY A 482 -2.37 22.17 -13.38
N TRP A 483 -2.23 22.23 -12.05
CA TRP A 483 -3.42 22.28 -11.17
C TRP A 483 -4.09 23.65 -11.28
N SER A 484 -5.36 23.68 -11.67
CA SER A 484 -6.18 24.89 -11.51
C SER A 484 -6.45 25.18 -10.03
N LEU A 485 -6.99 26.37 -9.71
CA LEU A 485 -7.42 26.66 -8.31
C LEU A 485 -8.59 25.73 -7.95
N ARG A 486 -9.52 25.47 -8.89
CA ARG A 486 -10.63 24.54 -8.61
C ARG A 486 -10.11 23.14 -8.30
N GLU A 487 -9.19 22.61 -9.09
CA GLU A 487 -8.66 21.25 -8.85
C GLU A 487 -7.93 21.22 -7.49
N THR A 488 -7.21 22.29 -7.17
CA THR A 488 -6.48 22.36 -5.87
C THR A 488 -7.50 22.35 -4.73
N ALA A 489 -8.58 23.13 -4.86
CA ALA A 489 -9.64 23.18 -3.84
C ALA A 489 -10.28 21.80 -3.66
N CYS A 490 -10.54 21.09 -4.75
CA CYS A 490 -11.25 19.79 -4.70
C CYS A 490 -10.33 18.74 -4.05
N LEU A 491 -9.01 18.83 -4.22
CA LEU A 491 -8.06 17.94 -3.52
C LEU A 491 -8.08 18.29 -2.01
N GLY A 492 -8.09 19.55 -1.64
CA GLY A 492 -8.21 19.93 -0.22
C GLY A 492 -9.49 19.38 0.39
N LYS A 493 -10.59 19.40 -0.37
CA LYS A 493 -11.88 18.88 0.10
C LYS A 493 -11.81 17.38 0.32
N SER A 494 -11.09 16.64 -0.51
CA SER A 494 -10.87 15.19 -0.32
C SER A 494 -10.20 14.95 1.05
N TYR A 495 -9.11 15.66 1.35
CA TYR A 495 -8.43 15.55 2.66
C TYR A 495 -9.41 15.86 3.79
N ALA A 496 -10.15 16.95 3.67
CA ALA A 496 -11.08 17.42 4.72
C ALA A 496 -12.11 16.34 5.00
N GLN A 497 -12.72 15.78 3.95
CA GLN A 497 -13.77 14.76 4.15
C GLN A 497 -13.16 13.46 4.74
N MET A 498 -11.95 13.10 4.36
CA MET A 498 -11.23 11.97 5.00
C MET A 498 -11.06 12.26 6.49
N TRP A 499 -10.63 13.46 6.83
CA TRP A 499 -10.48 13.81 8.27
C TRP A 499 -11.82 13.70 9.00
N SER A 500 -12.92 14.20 8.43
CA SER A 500 -14.25 14.13 9.07
CA SER A 500 -14.24 14.13 9.10
C SER A 500 -14.65 12.66 9.31
N LEU A 501 -14.31 11.76 8.40
CA LEU A 501 -14.74 10.35 8.54
C LEU A 501 -13.81 9.49 9.41
N MET A 502 -12.51 9.70 9.37
CA MET A 502 -11.51 8.79 9.98
C MET A 502 -10.95 9.45 11.25
N TYR A 503 -10.80 10.77 11.29
CA TYR A 503 -10.02 11.49 12.34
C TYR A 503 -10.88 12.55 13.04
N PHE A 504 -12.20 12.38 13.05
CA PHE A 504 -13.17 13.29 13.66
C PHE A 504 -12.85 13.50 15.15
N HIS A 505 -12.17 12.52 15.75
CA HIS A 505 -11.85 12.45 17.20
C HIS A 505 -10.66 13.35 17.56
N ARG A 506 -9.99 13.94 16.58
CA ARG A 506 -8.88 14.92 16.76
C ARG A 506 -9.47 16.34 16.64
N ARG A 507 -9.48 17.09 17.75
CA ARG A 507 -10.10 18.44 17.79
C ARG A 507 -9.65 19.28 16.60
N ASP A 508 -8.35 19.38 16.32
CA ASP A 508 -7.81 20.30 15.30
C ASP A 508 -8.29 19.86 13.92
N LEU A 509 -8.37 18.54 13.68
CA LEU A 509 -8.73 18.05 12.32
C LEU A 509 -10.23 18.20 12.11
N ARG A 510 -11.07 18.04 13.13
CA ARG A 510 -12.52 18.23 12.90
C ARG A 510 -12.75 19.70 12.55
N LEU A 511 -12.07 20.62 13.26
CA LEU A 511 -12.24 22.06 13.01
C LEU A 511 -11.70 22.41 11.62
N ALA A 512 -10.50 21.95 11.27
CA ALA A 512 -9.88 22.31 9.98
C ALA A 512 -10.70 21.69 8.82
N ALA A 513 -11.26 20.50 9.02
CA ALA A 513 -12.10 19.83 8.00
C ALA A 513 -13.35 20.69 7.77
N ASN A 514 -13.99 21.09 8.86
CA ASN A 514 -15.18 21.99 8.73
C ASN A 514 -14.80 23.27 8.01
N ALA A 515 -13.66 23.89 8.31
CA ALA A 515 -13.20 25.15 7.68
C ALA A 515 -13.00 24.91 6.18
N ILE A 516 -12.28 23.86 5.78
CA ILE A 516 -12.01 23.60 4.35
C ILE A 516 -13.35 23.38 3.63
N CYS A 517 -14.24 22.55 4.19
CA CYS A 517 -15.54 22.27 3.52
C CYS A 517 -16.38 23.55 3.43
N SER A 518 -16.18 24.50 4.34
CA SER A 518 -16.93 25.79 4.31
C SER A 518 -16.35 26.69 3.23
N ALA A 519 -15.06 26.53 2.95
CA ALA A 519 -14.30 27.43 2.06
C ALA A 519 -14.36 27.00 0.60
N VAL A 520 -14.67 25.73 0.33
CA VAL A 520 -14.74 25.17 -1.04
C VAL A 520 -16.22 25.14 -1.42
N PRO A 521 -16.61 25.55 -2.65
CA PRO A 521 -18.02 25.52 -3.03
C PRO A 521 -18.66 24.16 -2.71
N SER A 522 -19.84 24.20 -2.12
N SER A 522 -19.86 24.22 -2.14
CA SER A 522 -20.55 23.02 -1.57
CA SER A 522 -20.62 23.07 -1.60
C SER A 522 -20.71 21.89 -2.60
C SER A 522 -20.71 21.91 -2.60
N HIS A 523 -20.98 22.18 -3.89
CA HIS A 523 -21.25 21.13 -4.91
C HIS A 523 -20.01 20.69 -5.67
N TRP A 524 -18.84 21.27 -5.42
CA TRP A 524 -17.62 20.86 -6.13
C TRP A 524 -17.19 19.47 -5.63
N VAL A 525 -16.77 18.61 -6.56
CA VAL A 525 -16.58 17.17 -6.30
C VAL A 525 -15.16 16.94 -5.81
N PRO A 526 -14.95 16.26 -4.67
CA PRO A 526 -13.59 15.93 -4.26
C PRO A 526 -12.84 15.11 -5.31
N THR A 527 -11.55 15.39 -5.49
CA THR A 527 -10.69 14.71 -6.49
C THR A 527 -9.39 14.27 -5.85
N SER A 528 -8.75 13.34 -6.53
CA SER A 528 -7.35 12.89 -6.32
C SER A 528 -6.82 12.47 -7.69
N ARG A 529 -5.56 12.74 -8.00
CA ARG A 529 -4.87 12.18 -9.21
C ARG A 529 -4.35 10.77 -8.92
N THR A 530 -4.05 10.44 -7.65
CA THR A 530 -3.56 9.11 -7.20
C THR A 530 -4.56 8.48 -6.22
N THR A 531 -5.53 7.72 -6.75
CA THR A 531 -6.64 7.09 -5.97
C THR A 531 -6.05 6.05 -4.99
N ALA A 536 -7.55 1.03 -1.09
CA ALA A 536 -8.55 0.57 -0.09
C ALA A 536 -9.88 1.32 -0.29
N THR A 537 -10.77 1.24 0.68
CA THR A 537 -12.12 1.88 0.65
C THR A 537 -11.94 3.38 0.87
N HIS A 538 -12.47 4.22 -0.03
N HIS A 538 -12.47 4.22 -0.03
CA HIS A 538 -12.38 5.70 0.07
CA HIS A 538 -12.39 5.70 0.05
C HIS A 538 -13.79 6.29 0.16
C HIS A 538 -13.81 6.28 0.15
N GLU A 539 -14.46 6.06 1.29
CA GLU A 539 -15.88 6.47 1.47
C GLU A 539 -16.03 7.98 1.54
N TRP A 540 -14.92 8.73 1.79
CA TRP A 540 -14.96 10.22 1.81
C TRP A 540 -15.00 10.81 0.40
N MET A 541 -14.84 9.98 -0.66
CA MET A 541 -14.80 10.50 -2.03
C MET A 541 -16.25 10.53 -2.56
N THR A 542 -16.99 11.59 -2.23
CA THR A 542 -18.46 11.69 -2.41
C THR A 542 -18.92 13.13 -2.20
N THR A 543 -20.07 13.56 -2.76
CA THR A 543 -20.71 14.84 -2.42
C THR A 543 -21.90 14.62 -1.47
N GLU A 544 -22.12 13.39 -1.00
CA GLU A 544 -23.15 13.10 0.03
C GLU A 544 -22.76 13.83 1.32
N ASP A 545 -23.77 14.20 2.11
CA ASP A 545 -23.63 14.86 3.43
C ASP A 545 -22.68 14.00 4.30
N MET A 546 -21.66 14.57 4.95
CA MET A 546 -20.65 13.74 5.69
C MET A 546 -21.27 13.11 6.95
N LEU A 547 -22.30 13.71 7.54
CA LEU A 547 -22.95 13.06 8.73
C LEU A 547 -23.65 11.78 8.24
N THR A 548 -24.31 11.82 7.08
CA THR A 548 -24.98 10.62 6.51
C THR A 548 -23.94 9.51 6.28
N VAL A 549 -22.81 9.85 5.70
CA VAL A 549 -21.70 8.89 5.42
C VAL A 549 -21.13 8.38 6.75
N TRP A 550 -20.96 9.24 7.74
CA TRP A 550 -20.43 8.82 9.06
C TRP A 550 -21.38 7.76 9.65
N ASN A 551 -22.68 8.04 9.65
CA ASN A 551 -23.67 7.08 10.18
C ASN A 551 -23.58 5.76 9.43
N ARG A 552 -23.43 5.75 8.11
CA ARG A 552 -23.41 4.52 7.31
C ARG A 552 -22.17 3.71 7.72
N VAL A 553 -21.03 4.36 7.79
CA VAL A 553 -19.73 3.68 8.01
C VAL A 553 -19.60 3.20 9.46
N TRP A 554 -19.88 4.06 10.45
CA TRP A 554 -19.57 3.79 11.86
C TRP A 554 -20.72 3.10 12.58
N ILE A 555 -21.96 3.18 12.04
CA ILE A 555 -23.14 2.61 12.75
C ILE A 555 -23.76 1.54 11.87
N GLN A 556 -24.37 1.91 10.73
CA GLN A 556 -25.27 1.00 9.97
C GLN A 556 -24.48 -0.23 9.50
N GLU A 557 -23.31 -0.04 8.87
CA GLU A 557 -22.55 -1.11 8.20
C GLU A 557 -21.45 -1.64 9.11
N ASN A 558 -21.34 -1.16 10.34
CA ASN A 558 -20.24 -1.55 11.26
C ASN A 558 -20.62 -2.87 11.94
N PRO A 559 -20.02 -4.02 11.59
CA PRO A 559 -20.45 -5.30 12.17
C PRO A 559 -20.11 -5.43 13.66
N TRP A 560 -19.31 -4.52 14.23
CA TRP A 560 -19.02 -4.53 15.68
C TRP A 560 -19.97 -3.63 16.49
N MET A 561 -20.94 -2.94 15.86
CA MET A 561 -21.90 -2.03 16.53
C MET A 561 -23.29 -2.72 16.55
N GLU A 562 -23.73 -3.24 17.68
CA GLU A 562 -25.02 -3.98 17.74
C GLU A 562 -26.21 -2.99 17.69
N ASP A 563 -26.15 -1.88 18.40
CA ASP A 563 -27.23 -0.86 18.43
C ASP A 563 -27.09 0.04 17.20
N LYS A 564 -28.06 0.00 16.30
CA LYS A 564 -28.02 0.75 15.01
C LYS A 564 -28.72 2.12 15.12
N THR A 565 -28.90 2.66 16.31
CA THR A 565 -29.57 4.00 16.42
C THR A 565 -28.68 5.03 15.74
N PRO A 566 -29.19 5.77 14.74
CA PRO A 566 -28.40 6.78 14.03
C PRO A 566 -28.02 7.93 14.97
N VAL A 567 -26.88 8.56 14.67
CA VAL A 567 -26.46 9.81 15.35
C VAL A 567 -27.16 10.97 14.62
N GLU A 568 -27.72 11.94 15.34
CA GLU A 568 -28.54 13.03 14.75
C GLU A 568 -27.69 14.27 14.50
N SER A 569 -26.52 14.39 15.16
CA SER A 569 -25.67 15.60 14.98
C SER A 569 -24.22 15.27 15.30
N TRP A 570 -23.32 16.09 14.77
CA TRP A 570 -21.87 15.95 15.04
C TRP A 570 -21.58 16.09 16.54
N GLU A 571 -22.41 16.78 17.31
CA GLU A 571 -22.12 16.98 18.76
C GLU A 571 -22.23 15.67 19.55
N GLU A 572 -22.95 14.67 19.05
CA GLU A 572 -23.03 13.31 19.63
C GLU A 572 -21.74 12.51 19.38
N ILE A 573 -20.88 12.96 18.46
CA ILE A 573 -19.67 12.17 18.05
C ILE A 573 -18.50 12.67 18.88
N PRO A 574 -17.86 11.78 19.66
CA PRO A 574 -16.88 12.20 20.65
C PRO A 574 -15.48 12.51 20.07
N TYR A 575 -14.66 13.12 20.93
CA TYR A 575 -13.20 13.33 20.72
C TYR A 575 -12.43 12.41 21.67
N LEU A 576 -11.15 12.16 21.34
CA LEU A 576 -10.18 11.64 22.33
C LEU A 576 -10.24 12.53 23.58
N GLY A 577 -9.77 12.02 24.71
CA GLY A 577 -9.48 12.88 25.87
C GLY A 577 -8.56 14.05 25.46
N LYS A 578 -8.66 15.19 26.11
CA LYS A 578 -7.81 16.36 25.75
C LYS A 578 -6.32 16.01 25.88
N ARG A 579 -5.91 15.30 26.91
CA ARG A 579 -4.48 14.99 27.10
C ARG A 579 -4.02 13.98 26.03
N GLU A 580 -4.84 13.00 25.71
CA GLU A 580 -4.53 12.01 24.64
C GLU A 580 -4.40 12.74 23.29
N ASP A 581 -5.27 13.72 23.01
CA ASP A 581 -5.24 14.47 21.74
C ASP A 581 -3.90 15.21 21.66
N GLN A 582 -3.45 15.84 22.77
CA GLN A 582 -2.12 16.49 22.86
C GLN A 582 -1.00 15.47 22.65
N TRP A 583 -1.06 14.30 23.30
CA TRP A 583 -0.04 13.26 23.14
C TRP A 583 0.14 12.90 21.64
N CYS A 584 -0.97 12.89 20.91
CA CYS A 584 -0.99 12.50 19.48
C CYS A 584 -0.81 13.73 18.56
N GLY A 585 -0.36 14.86 19.09
CA GLY A 585 0.17 16.03 18.34
C GLY A 585 -0.79 17.21 18.26
N SER A 586 -1.93 17.22 18.96
CA SER A 586 -2.86 18.38 18.95
C SER A 586 -2.14 19.67 19.41
N LEU A 587 -2.56 20.81 18.88
CA LEU A 587 -2.12 22.14 19.35
C LEU A 587 -3.14 22.73 20.33
N ILE A 588 -4.15 21.97 20.76
CA ILE A 588 -5.14 22.51 21.74
C ILE A 588 -4.36 22.97 22.97
N GLY A 589 -4.62 24.18 23.44
CA GLY A 589 -3.85 24.72 24.59
C GLY A 589 -2.83 25.77 24.18
N LEU A 590 -2.44 25.87 22.93
CA LEU A 590 -1.48 26.88 22.44
C LEU A 590 -2.23 28.16 22.09
N THR A 591 -1.59 29.30 22.31
CA THR A 591 -2.13 30.61 21.89
C THR A 591 -2.37 30.65 20.37
N SER A 592 -1.42 30.21 19.55
CA SER A 592 -1.57 30.20 18.07
C SER A 592 -2.87 29.46 17.68
N ARG A 593 -3.14 28.32 18.29
CA ARG A 593 -4.33 27.48 17.97
C ARG A 593 -5.61 28.23 18.39
N ALA A 594 -5.60 28.83 19.58
CA ALA A 594 -6.78 29.56 20.09
C ALA A 594 -7.12 30.71 19.13
N THR A 595 -6.13 31.43 18.62
CA THR A 595 -6.39 32.59 17.74
C THR A 595 -6.96 32.06 16.41
N TRP A 596 -6.36 30.98 15.91
CA TRP A 596 -6.87 30.34 14.65
C TRP A 596 -8.34 29.96 14.81
N ALA A 597 -8.69 29.25 15.88
CA ALA A 597 -10.06 28.74 16.10
C ALA A 597 -11.05 29.90 16.25
N LYS A 598 -10.67 30.91 17.03
CA LYS A 598 -11.54 32.11 17.25
C LYS A 598 -11.83 32.83 15.95
N ASN A 599 -10.81 33.03 15.11
CA ASN A 599 -10.84 33.85 13.89
C ASN A 599 -11.06 33.00 12.64
N ILE A 600 -11.55 31.78 12.75
CA ILE A 600 -11.58 30.83 11.58
C ILE A 600 -12.45 31.40 10.44
N GLN A 601 -13.52 32.14 10.73
N GLN A 601 -13.51 32.16 10.74
CA GLN A 601 -14.37 32.70 9.63
CA GLN A 601 -14.37 32.68 9.65
C GLN A 601 -13.56 33.66 8.75
C GLN A 601 -13.58 33.66 8.76
N THR A 602 -12.60 34.39 9.31
CA THR A 602 -11.70 35.29 8.54
C THR A 602 -10.85 34.46 7.55
N ALA A 603 -10.38 33.29 7.96
CA ALA A 603 -9.55 32.42 7.10
C ALA A 603 -10.43 31.84 6.01
N ILE A 604 -11.61 31.39 6.41
CA ILE A 604 -12.61 30.83 5.44
C ILE A 604 -12.90 31.90 4.38
N ASN A 605 -13.12 33.13 4.80
CA ASN A 605 -13.48 34.25 3.89
C ASN A 605 -12.27 34.60 3.00
N GLN A 606 -11.03 34.45 3.48
CA GLN A 606 -9.84 34.67 2.62
C GLN A 606 -9.91 33.71 1.44
N VAL A 607 -10.10 32.41 1.71
CA VAL A 607 -10.13 31.40 0.64
C VAL A 607 -11.35 31.61 -0.29
N ARG A 608 -12.52 31.90 0.29
CA ARG A 608 -13.74 32.17 -0.57
C ARG A 608 -13.47 33.35 -1.51
N SER A 609 -12.81 34.40 -1.03
CA SER A 609 -12.50 35.59 -1.86
C SER A 609 -11.56 35.21 -3.01
N LEU A 610 -10.62 34.30 -2.79
CA LEU A 610 -9.71 33.86 -3.87
C LEU A 610 -10.48 33.04 -4.90
N ILE A 611 -11.35 32.12 -4.46
CA ILE A 611 -12.06 31.19 -5.37
C ILE A 611 -13.11 32.00 -6.14
N GLY A 612 -13.76 32.94 -5.48
CA GLY A 612 -14.68 33.92 -6.11
C GLY A 612 -16.13 33.68 -5.72
N ASN A 613 -17.06 34.17 -6.53
CA ASN A 613 -18.49 34.25 -6.15
C ASN A 613 -19.18 32.93 -6.53
N GLU A 614 -19.21 31.98 -5.61
CA GLU A 614 -19.65 30.61 -5.81
C GLU A 614 -20.68 30.36 -4.71
N GLU A 615 -21.32 29.20 -4.72
CA GLU A 615 -22.27 28.81 -3.65
C GLU A 615 -21.45 28.06 -2.60
N TYR A 616 -21.46 28.58 -1.37
CA TYR A 616 -20.77 28.00 -0.19
C TYR A 616 -21.78 27.69 0.90
N THR A 617 -21.45 26.71 1.75
CA THR A 617 -22.19 26.33 2.99
C THR A 617 -21.30 26.61 4.20
N ASP A 618 -21.85 27.15 5.29
CA ASP A 618 -21.13 27.29 6.57
C ASP A 618 -21.34 25.98 7.37
N TYR A 619 -20.27 25.17 7.52
CA TYR A 619 -20.30 23.94 8.35
C TYR A 619 -19.80 24.21 9.78
N MET A 620 -19.29 25.41 10.10
CA MET A 620 -18.72 25.65 11.46
C MET A 620 -19.79 25.49 12.57
N PRO A 621 -21.06 25.96 12.46
CA PRO A 621 -22.05 25.74 13.55
C PRO A 621 -22.48 24.29 13.88
N SER A 622 -21.99 23.28 13.12
CA SER A 622 -22.07 21.83 13.47
C SER A 622 -21.22 21.55 14.72
N MET A 623 -20.37 22.52 15.10
CA MET A 623 -19.50 22.45 16.30
C MET A 623 -20.09 23.33 17.41
N LYS A 624 -20.14 22.83 18.65
CA LYS A 624 -20.77 23.51 19.82
C LYS A 624 -20.31 24.98 19.93
N ARG A 625 -19.00 25.26 19.81
CA ARG A 625 -18.43 26.60 20.11
C ARG A 625 -18.84 27.66 19.07
N PHE A 626 -19.22 27.28 17.86
CA PHE A 626 -19.65 28.22 16.77
C PHE A 626 -21.18 28.20 16.68
N ARG A 627 -21.82 27.38 17.51
CA ARG A 627 -23.29 27.29 17.61
C ARG A 627 -23.75 28.30 18.66
N ARG A 628 -23.58 29.61 18.37
CA ARG A 628 -24.02 30.77 19.20
C ARG A 628 -23.38 30.73 20.60
CL CL B . 2.63 -2.04 25.16
ZN ZN C . -3.47 8.62 18.71
ZN ZN D . 6.93 -9.32 -22.62
O1 MES E . -4.16 30.87 -5.34
O1 MES E . -4.06 30.75 -5.26
C2 MES E . -3.10 31.80 -5.26
C2 MES E . -3.10 31.68 -4.79
C3 MES E . -1.91 31.25 -4.52
C3 MES E . -2.22 31.07 -3.73
N4 MES E . -2.31 30.81 -3.14
N4 MES E . -3.07 30.61 -2.60
C5 MES E . -3.48 29.89 -3.23
C5 MES E . -4.04 29.61 -3.12
C6 MES E . -4.59 30.49 -4.04
C6 MES E . -4.87 30.25 -4.20
C7 MES E . -1.19 30.13 -2.40
C7 MES E . -2.32 30.12 -1.40
C8 MES E . -1.49 30.01 -0.92
C8 MES E . -0.83 29.88 -1.58
S MES E . -0.06 29.62 0.10
S MES E . 0.00 29.94 0.02
O1S MES E . 0.08 30.80 0.93
O1S MES E . -0.53 31.12 0.63
O2S MES E . -0.45 28.47 0.83
O2S MES E . -0.43 28.75 0.68
O3S MES E . 1.06 29.45 -0.77
O3S MES E . 1.40 29.98 -0.26
S DMS F . -18.16 19.07 6.64
O DMS F . -19.19 18.62 7.75
C1 DMS F . -18.61 18.22 5.23
C2 DMS F . -16.71 18.15 7.05
S DMS G . -18.82 16.86 21.92
O DMS G . -18.62 15.82 20.83
C1 DMS G . -18.90 18.44 21.11
C2 DMS G . -17.26 17.07 22.77
S DMS H . -6.93 11.79 -0.27
O DMS H . -8.11 11.04 -0.85
C1 DMS H . -5.99 10.54 0.55
C2 DMS H . -7.54 12.54 1.18
C1 PEG I . -17.35 6.42 -2.52
O1 PEG I . -17.84 5.29 -1.78
C2 PEG I . -16.42 6.04 -3.62
O2 PEG I . -16.09 7.19 -4.41
C3 PEG I . -15.34 6.90 -5.58
C4 PEG I . -13.87 6.72 -5.24
O4 PEG I . -13.03 7.65 -5.88
P PO4 J . 4.61 -3.20 11.27
O1 PO4 J . 5.56 -2.59 12.50
O2 PO4 J . 5.06 -4.81 11.05
O3 PO4 J . 3.09 -3.29 11.80
O4 PO4 J . 4.78 -2.43 10.02
C1 PEG K . 8.40 17.24 19.48
O1 PEG K . 8.60 16.29 20.51
C2 PEG K . 7.62 18.43 19.93
O2 PEG K . 6.71 18.07 20.98
C3 PEG K . 5.45 17.64 20.49
C4 PEG K . 4.38 18.59 20.92
O4 PEG K . 4.76 19.94 20.73
P PO4 L . 4.74 -25.28 -13.77
O1 PO4 L . 5.45 -23.90 -13.86
O2 PO4 L . 5.51 -26.14 -12.78
O3 PO4 L . 3.30 -25.06 -13.28
O4 PO4 L . 4.70 -25.99 -15.16
C1 PEG M . -16.04 -9.33 11.74
O1 PEG M . -17.14 -9.31 10.86
C2 PEG M . -16.41 -9.84 13.09
O2 PEG M . -17.47 -9.06 13.63
C3 PEG M . -18.36 -9.79 14.47
C4 PEG M . -18.21 -9.34 15.89
O4 PEG M . -19.43 -8.90 16.45
#